data_4A4X
#
_entry.id   4A4X
#
_cell.length_a   101.223
_cell.length_b   56.909
_cell.length_c   74.408
_cell.angle_alpha   90.00
_cell.angle_beta   127.12
_cell.angle_gamma   90.00
#
_symmetry.space_group_name_H-M   'C 1 2 1'
#
loop_
_entity.id
_entity.type
_entity.pdbx_description
1 polymer 'SERINE/THREONINE-PROTEIN KINASE NEK2'
2 non-polymer 4-(2-AMINO-5-{4-[(DIMETHYLAMINO)METHYL]THIOPHEN-2-YL}PYRIDIN-3-YL)-2-{(1R)-1-[2-(TRIFLUOROMETHYL)PHENYL]ETHOXY}BENZAMIDE
3 water water
#
_entity_poly.entity_id   1
_entity_poly.type   'polypeptide(L)'
_entity_poly.pdbx_seq_one_letter_code
;MPSRAEDYEVLYTIGTGSYGRCQKIRRKSDGKILVWKELDYGSMTEAEKQMLVSEVNLLRELKHPNIVRYYDRIIDRTNT
TLYIVMEYCEGGDLASVITKGTKERQYLDEEFVLRVMTQLTLALKECHRRSDGGHTVLHRDLKPANVFLDGKQNVKLGDF
GLARILNHDEDFAKEFVGTPYYMSPEQMNRMSYNEKSDIWSLGCLLYELCALMPPFTAFSQKELAGKIREGKFRRIPYRY
SDELNEIITRMLNLKDYHRPSVEEILENPLILEHHHHHH
;
_entity_poly.pdbx_strand_id   A
#
loop_
_chem_comp.id
_chem_comp.type
_chem_comp.name
_chem_comp.formula
JUP non-polymer 4-(2-AMINO-5-{4-[(DIMETHYLAMINO)METHYL]THIOPHEN-2-YL}PYRIDIN-3-YL)-2-{(1R)-1-[2-(TRIFLUOROMETHYL)PHENYL]ETHOXY}BENZAMIDE 'C28 H27 F3 N4 O2 S'
#
# COMPACT_ATOMS: atom_id res chain seq x y z
N SER A 3 14.10 -18.14 -16.90
CA SER A 3 13.09 -18.21 -15.85
C SER A 3 13.43 -19.33 -14.84
N ARG A 4 14.66 -19.28 -14.32
CA ARG A 4 15.11 -20.24 -13.32
C ARG A 4 15.94 -19.53 -12.28
N ALA A 5 15.71 -19.87 -11.01
CA ALA A 5 16.45 -19.30 -9.90
C ALA A 5 17.93 -19.11 -10.23
N GLU A 6 18.46 -19.94 -11.11
CA GLU A 6 19.86 -19.81 -11.52
C GLU A 6 20.14 -18.51 -12.27
N ASP A 7 19.08 -17.92 -12.84
CA ASP A 7 19.20 -16.66 -13.58
C ASP A 7 19.47 -15.40 -12.71
N TYR A 8 19.20 -15.51 -11.41
CA TYR A 8 19.38 -14.41 -10.48
C TYR A 8 20.36 -14.78 -9.38
N GLU A 9 21.00 -13.77 -8.82
CA GLU A 9 21.84 -14.01 -7.66
C GLU A 9 21.29 -13.30 -6.41
N VAL A 10 21.22 -14.02 -5.31
CA VAL A 10 20.76 -13.45 -4.06
C VAL A 10 21.85 -12.59 -3.42
N LEU A 11 21.53 -11.33 -3.17
CA LEU A 11 22.42 -10.42 -2.46
C LEU A 11 22.22 -10.57 -0.93
N TYR A 12 20.98 -10.47 -0.48
CA TYR A 12 20.68 -10.67 0.95
C TYR A 12 19.19 -10.54 1.24
N THR A 13 18.85 -10.81 2.48
CA THR A 13 17.47 -10.93 2.88
C THR A 13 16.98 -9.59 3.40
N ILE A 14 15.76 -9.25 3.04
CA ILE A 14 15.16 -8.03 3.50
C ILE A 14 14.12 -8.28 4.56
N GLY A 15 13.36 -9.36 4.41
CA GLY A 15 12.28 -9.65 5.31
C GLY A 15 12.00 -11.13 5.43
N THR A 16 11.49 -11.53 6.60
CA THR A 16 11.17 -12.95 6.86
C THR A 16 9.78 -13.10 7.45
N GLY A 17 9.13 -14.22 7.14
CA GLY A 17 7.76 -14.45 7.56
C GLY A 17 7.65 -15.58 8.56
N SER A 18 6.44 -16.11 8.77
CA SER A 18 5.22 -15.75 8.05
C SER A 18 5.28 -16.24 6.61
N TYR A 19 4.67 -15.49 5.69
CA TYR A 19 4.68 -15.82 4.25
C TYR A 19 5.86 -16.71 3.91
N GLY A 20 7.06 -16.20 4.14
CA GLY A 20 8.28 -16.92 3.83
C GLY A 20 9.50 -16.02 3.97
N ARG A 21 9.87 -15.33 2.89
CA ARG A 21 11.12 -14.57 2.87
C ARG A 21 11.24 -13.65 1.64
N CYS A 22 11.76 -12.44 1.84
CA CYS A 22 11.96 -11.50 0.75
C CYS A 22 13.40 -11.09 0.63
N GLN A 23 13.95 -11.21 -0.59
CA GLN A 23 15.37 -11.00 -0.77
C GLN A 23 15.68 -10.03 -1.89
N LYS A 24 16.73 -9.25 -1.68
CA LYS A 24 17.22 -8.39 -2.73
C LYS A 24 18.11 -9.27 -3.58
N ILE A 25 17.85 -9.28 -4.89
CA ILE A 25 18.56 -10.13 -5.83
C ILE A 25 19.00 -9.32 -7.06
N ARG A 26 19.86 -9.92 -7.88
CA ARG A 26 20.38 -9.24 -9.06
C ARG A 26 20.27 -10.15 -10.29
N ARG A 27 19.67 -9.64 -11.35
CA ARG A 27 19.49 -10.43 -12.57
C ARG A 27 20.83 -10.56 -13.30
N LYS A 28 21.22 -11.80 -13.62
CA LYS A 28 22.58 -12.07 -14.09
C LYS A 28 22.80 -11.55 -15.49
N SER A 29 21.76 -11.62 -16.32
CA SER A 29 21.84 -11.15 -17.71
C SER A 29 22.27 -9.68 -17.85
N ASP A 30 21.79 -8.83 -16.96
CA ASP A 30 22.05 -7.40 -17.11
C ASP A 30 22.51 -6.71 -15.83
N GLY A 31 22.26 -7.32 -14.69
CA GLY A 31 22.66 -6.73 -13.42
C GLY A 31 21.57 -5.89 -12.78
N LYS A 32 20.34 -6.00 -13.28
CA LYS A 32 19.25 -5.22 -12.72
C LYS A 32 18.95 -5.70 -11.30
N ILE A 33 18.74 -4.75 -10.38
CA ILE A 33 18.46 -5.07 -8.99
C ILE A 33 16.98 -5.30 -8.80
N LEU A 34 16.62 -6.48 -8.29
CA LEU A 34 15.21 -6.78 -8.10
C LEU A 34 15.04 -7.35 -6.74
N VAL A 35 13.83 -7.79 -6.42
CA VAL A 35 13.64 -8.59 -5.23
C VAL A 35 12.68 -9.71 -5.57
N TRP A 36 12.70 -10.78 -4.78
CA TRP A 36 11.75 -11.85 -4.95
C TRP A 36 11.21 -12.32 -3.58
N LYS A 37 9.92 -12.66 -3.58
CA LYS A 37 9.28 -13.28 -2.44
C LYS A 37 9.48 -14.82 -2.51
N GLU A 38 9.94 -15.40 -1.41
CA GLU A 38 10.10 -16.87 -1.27
C GLU A 38 8.87 -17.47 -0.64
N LEU A 39 8.41 -18.59 -1.18
CA LEU A 39 7.27 -19.27 -0.58
C LEU A 39 7.42 -20.78 -0.71
N ASP A 40 7.45 -21.49 0.42
CA ASP A 40 7.60 -22.96 0.41
C ASP A 40 6.21 -23.59 0.33
N TYR A 41 5.87 -24.15 -0.83
CA TYR A 41 4.51 -24.68 -1.02
C TYR A 41 4.40 -26.16 -0.66
N GLY A 42 5.51 -26.75 -0.22
CA GLY A 42 5.55 -28.18 0.08
C GLY A 42 4.45 -28.75 0.98
N SER A 43 3.92 -27.93 1.88
CA SER A 43 2.91 -28.40 2.81
C SER A 43 1.46 -27.99 2.48
N MET A 44 1.23 -27.61 1.24
CA MET A 44 -0.09 -27.15 0.80
C MET A 44 -0.85 -28.21 0.03
N THR A 45 -2.17 -28.27 0.21
CA THR A 45 -3.00 -29.17 -0.56
C THR A 45 -2.99 -28.81 -2.03
N GLU A 46 -3.77 -29.52 -2.82
CA GLU A 46 -3.82 -29.26 -4.25
C GLU A 46 -4.65 -28.01 -4.50
N ALA A 47 -5.72 -27.83 -3.72
CA ALA A 47 -6.58 -26.67 -3.85
C ALA A 47 -5.81 -25.39 -3.53
N GLU A 48 -5.27 -25.31 -2.31
CA GLU A 48 -4.44 -24.17 -1.93
C GLU A 48 -3.40 -23.83 -2.99
N LYS A 49 -2.87 -24.84 -3.65
CA LYS A 49 -1.87 -24.61 -4.67
C LYS A 49 -2.50 -24.12 -5.97
N GLN A 50 -3.74 -24.51 -6.22
CA GLN A 50 -4.46 -24.04 -7.38
C GLN A 50 -4.90 -22.61 -7.13
N MET A 51 -5.21 -22.30 -5.87
CA MET A 51 -5.55 -20.94 -5.46
C MET A 51 -4.33 -20.05 -5.62
N LEU A 52 -3.20 -20.50 -5.07
CA LEU A 52 -1.95 -19.76 -5.18
C LEU A 52 -1.63 -19.45 -6.63
N VAL A 53 -1.78 -20.45 -7.48
CA VAL A 53 -1.54 -20.26 -8.90
C VAL A 53 -2.57 -19.27 -9.47
N SER A 54 -3.75 -19.25 -8.86
CA SER A 54 -4.82 -18.36 -9.28
C SER A 54 -4.45 -16.93 -8.97
N GLU A 55 -3.95 -16.68 -7.76
CA GLU A 55 -3.50 -15.35 -7.37
C GLU A 55 -2.36 -14.87 -8.28
N VAL A 56 -1.33 -15.69 -8.43
CA VAL A 56 -0.15 -15.29 -9.19
C VAL A 56 -0.47 -14.83 -10.62
N ASN A 57 -1.52 -15.42 -11.19
CA ASN A 57 -1.94 -15.06 -12.54
C ASN A 57 -2.52 -13.64 -12.56
N LEU A 58 -3.01 -13.20 -11.42
CA LEU A 58 -3.48 -11.83 -11.25
C LEU A 58 -2.34 -10.82 -11.33
N LEU A 59 -1.35 -10.97 -10.45
CA LEU A 59 -0.18 -10.08 -10.48
C LEU A 59 0.42 -9.89 -11.86
N ARG A 60 0.34 -10.92 -12.69
CA ARG A 60 0.90 -10.84 -14.04
C ARG A 60 0.08 -9.90 -14.93
N GLU A 61 -1.14 -9.58 -14.50
CA GLU A 61 -2.10 -8.85 -15.33
C GLU A 61 -2.00 -7.33 -15.16
N LEU A 62 -1.73 -6.89 -13.94
CA LEU A 62 -1.64 -5.48 -13.64
C LEU A 62 -0.28 -4.87 -14.00
N LYS A 63 -0.28 -3.97 -14.97
CA LYS A 63 0.89 -3.14 -15.22
C LYS A 63 0.49 -1.68 -15.04
N HIS A 64 1.14 -0.99 -14.10
CA HIS A 64 0.80 0.41 -13.80
C HIS A 64 1.93 1.04 -13.00
N PRO A 65 2.25 2.30 -13.29
CA PRO A 65 3.42 2.92 -12.65
C PRO A 65 3.29 3.00 -11.14
N ASN A 66 2.07 2.95 -10.62
CA ASN A 66 1.90 3.05 -9.17
C ASN A 66 1.46 1.73 -8.52
N ILE A 67 1.69 0.65 -9.26
CA ILE A 67 1.48 -0.67 -8.72
C ILE A 67 2.80 -1.42 -8.74
N VAL A 68 3.19 -1.95 -7.59
CA VAL A 68 4.45 -2.70 -7.52
C VAL A 68 4.53 -3.74 -8.65
N ARG A 69 5.56 -3.63 -9.46
CA ARG A 69 5.63 -4.36 -10.72
C ARG A 69 6.11 -5.82 -10.62
N TYR A 70 5.25 -6.72 -11.07
CA TYR A 70 5.59 -8.13 -11.22
C TYR A 70 6.52 -8.38 -12.42
N TYR A 71 7.57 -9.17 -12.23
CA TYR A 71 8.49 -9.52 -13.31
C TYR A 71 8.44 -10.98 -13.76
N ASP A 72 8.42 -11.89 -12.80
CA ASP A 72 8.71 -13.28 -13.11
C ASP A 72 8.12 -14.14 -12.03
N ARG A 73 7.90 -15.42 -12.32
CA ARG A 73 7.55 -16.41 -11.31
C ARG A 73 8.42 -17.62 -11.54
N ILE A 74 9.16 -18.03 -10.53
CA ILE A 74 10.09 -19.16 -10.67
C ILE A 74 9.70 -20.37 -9.83
N ILE A 75 9.65 -21.54 -10.47
CA ILE A 75 9.34 -22.79 -9.76
C ILE A 75 10.57 -23.65 -9.53
N ASP A 76 10.77 -24.04 -8.27
CA ASP A 76 11.84 -24.97 -7.90
C ASP A 76 11.24 -26.19 -7.19
N ARG A 77 10.87 -27.20 -7.98
CA ARG A 77 10.19 -28.39 -7.45
C ARG A 77 11.10 -29.22 -6.53
N THR A 78 12.40 -29.03 -6.70
CA THR A 78 13.39 -29.63 -5.81
C THR A 78 13.13 -29.30 -4.34
N ASN A 79 13.01 -28.00 -4.05
CA ASN A 79 12.82 -27.57 -2.67
C ASN A 79 11.37 -27.16 -2.38
N THR A 80 10.48 -27.45 -3.32
CA THR A 80 9.09 -26.97 -3.27
C THR A 80 9.03 -25.47 -2.93
N THR A 81 9.84 -24.68 -3.62
CA THR A 81 9.88 -23.26 -3.35
C THR A 81 9.38 -22.48 -4.56
N LEU A 82 8.48 -21.53 -4.30
CA LEU A 82 7.97 -20.63 -5.33
C LEU A 82 8.61 -19.25 -5.15
N TYR A 83 9.14 -18.70 -6.24
CA TYR A 83 9.69 -17.33 -6.21
C TYR A 83 8.87 -16.35 -7.03
N ILE A 84 8.38 -15.31 -6.39
CA ILE A 84 7.78 -14.19 -7.12
C ILE A 84 8.76 -13.02 -7.19
N VAL A 85 9.18 -12.69 -8.41
CA VAL A 85 10.17 -11.65 -8.65
C VAL A 85 9.50 -10.34 -9.00
N MET A 86 9.92 -9.28 -8.30
CA MET A 86 9.33 -7.96 -8.50
C MET A 86 10.40 -6.85 -8.51
N GLU A 87 10.01 -5.68 -8.96
CA GLU A 87 10.84 -4.49 -8.81
C GLU A 87 11.30 -4.21 -7.37
N TYR A 88 12.47 -3.63 -7.23
CA TYR A 88 13.01 -3.24 -5.96
C TYR A 88 12.53 -1.82 -5.62
N CYS A 89 11.93 -1.66 -4.46
CA CYS A 89 11.49 -0.34 -3.99
C CYS A 89 12.41 0.12 -2.88
N GLU A 90 13.47 0.84 -3.25
CA GLU A 90 14.56 1.08 -2.30
C GLU A 90 14.12 1.86 -1.04
N GLY A 91 13.01 2.58 -1.10
CA GLY A 91 12.62 3.42 0.02
C GLY A 91 11.84 2.69 1.11
N GLY A 92 11.52 1.43 0.88
CA GLY A 92 10.70 0.71 1.81
C GLY A 92 9.17 0.93 1.77
N ASP A 93 8.55 0.52 2.86
CA ASP A 93 7.12 0.67 3.06
C ASP A 93 6.83 1.96 3.85
N LEU A 94 5.58 2.40 3.82
CA LEU A 94 5.19 3.66 4.49
C LEU A 94 5.07 3.51 6.02
N ALA A 95 4.62 2.33 6.45
CA ALA A 95 4.57 2.05 7.87
C ALA A 95 5.91 2.36 8.54
N SER A 96 7.02 1.93 7.94
CA SER A 96 8.34 2.20 8.51
C SER A 96 8.64 3.69 8.53
N VAL A 97 8.19 4.38 7.49
CA VAL A 97 8.42 5.82 7.40
C VAL A 97 7.66 6.55 8.50
N ILE A 98 6.43 6.10 8.74
CA ILE A 98 5.59 6.67 9.74
C ILE A 98 6.22 6.38 11.12
N THR A 99 6.63 5.15 11.32
CA THR A 99 7.28 4.78 12.55
C THR A 99 8.57 5.58 12.75
N LYS A 100 9.34 5.74 11.70
CA LYS A 100 10.55 6.51 11.83
C LYS A 100 10.15 7.93 12.25
N GLY A 101 9.05 8.42 11.67
CA GLY A 101 8.64 9.78 11.93
C GLY A 101 8.25 9.93 13.39
N THR A 102 7.70 8.87 13.95
CA THR A 102 7.23 8.87 15.32
C THR A 102 8.41 8.91 16.27
N LYS A 103 9.46 8.16 15.97
CA LYS A 103 10.63 8.04 16.83
C LYS A 103 11.43 9.32 16.98
N GLU A 104 11.90 9.88 15.87
CA GLU A 104 12.74 11.08 15.93
C GLU A 104 11.87 12.32 15.94
N ARG A 105 10.59 12.13 16.25
CA ARG A 105 9.64 13.24 16.29
C ARG A 105 9.89 14.27 15.18
N GLN A 106 9.76 13.84 13.93
CA GLN A 106 9.84 14.73 12.79
C GLN A 106 8.68 14.44 11.86
N TYR A 107 7.81 15.42 11.64
CA TYR A 107 6.73 15.30 10.65
C TYR A 107 7.32 15.25 9.23
N LEU A 108 6.52 14.77 8.28
CA LEU A 108 6.95 14.77 6.89
C LEU A 108 6.51 16.01 6.17
N ASP A 109 7.18 16.28 5.05
CA ASP A 109 6.86 17.46 4.23
C ASP A 109 5.51 17.31 3.52
N GLU A 110 4.77 18.41 3.42
CA GLU A 110 3.51 18.40 2.72
C GLU A 110 3.71 17.88 1.29
N GLU A 111 4.82 18.24 0.67
CA GLU A 111 5.11 17.79 -0.68
C GLU A 111 5.11 16.25 -0.75
N PHE A 112 5.60 15.60 0.30
CA PHE A 112 5.60 14.15 0.34
C PHE A 112 4.21 13.55 0.48
N VAL A 113 3.42 14.12 1.35
CA VAL A 113 2.03 13.72 1.48
C VAL A 113 1.30 13.86 0.14
N LEU A 114 1.55 14.97 -0.55
CA LEU A 114 0.89 15.23 -1.83
C LEU A 114 1.29 14.21 -2.89
N ARG A 115 2.55 13.81 -2.84
CA ARG A 115 2.97 12.69 -3.72
C ARG A 115 2.19 11.44 -3.45
N VAL A 116 2.14 11.04 -2.18
CA VAL A 116 1.49 9.78 -1.80
C VAL A 116 0.01 9.93 -2.15
N MET A 117 -0.58 11.06 -1.81
CA MET A 117 -1.99 11.25 -2.05
C MET A 117 -2.25 11.01 -3.55
N THR A 118 -1.45 11.68 -4.38
CA THR A 118 -1.67 11.69 -5.84
C THR A 118 -1.50 10.30 -6.48
N GLN A 119 -0.33 9.71 -6.29
CA GLN A 119 -0.02 8.44 -6.93
C GLN A 119 -0.88 7.27 -6.42
N LEU A 120 -1.20 7.25 -5.14
CA LEU A 120 -2.13 6.23 -4.65
C LEU A 120 -3.57 6.41 -5.13
N THR A 121 -3.99 7.63 -5.35
CA THR A 121 -5.34 7.85 -5.84
C THR A 121 -5.42 7.29 -7.24
N LEU A 122 -4.31 7.37 -7.94
CA LEU A 122 -4.21 6.83 -9.28
C LEU A 122 -4.08 5.29 -9.26
N ALA A 123 -3.51 4.76 -8.18
CA ALA A 123 -3.50 3.32 -7.95
C ALA A 123 -4.92 2.81 -7.83
N LEU A 124 -5.70 3.46 -7.00
CA LEU A 124 -7.12 3.16 -6.84
C LEU A 124 -7.83 3.20 -8.16
N LYS A 125 -7.61 4.25 -8.89
CA LYS A 125 -8.39 4.52 -10.09
C LYS A 125 -8.15 3.39 -11.05
N GLU A 126 -6.91 2.92 -11.09
CA GLU A 126 -6.56 1.76 -11.89
C GLU A 126 -7.28 0.49 -11.42
N CYS A 127 -7.31 0.27 -10.10
CA CYS A 127 -7.90 -0.93 -9.51
C CYS A 127 -9.41 -0.99 -9.67
N HIS A 128 -10.07 0.15 -9.56
CA HIS A 128 -11.51 0.19 -9.69
C HIS A 128 -11.85 -0.13 -11.14
N ARG A 129 -10.95 0.24 -12.04
CA ARG A 129 -11.19 0.05 -13.46
C ARG A 129 -11.19 -1.42 -13.83
N ARG A 130 -10.25 -2.15 -13.23
CA ARG A 130 -10.15 -3.60 -13.41
C ARG A 130 -11.13 -4.32 -12.49
N SER A 131 -12.39 -3.89 -12.49
CA SER A 131 -13.43 -4.49 -11.66
C SER A 131 -14.82 -4.12 -12.15
N HIS A 139 -9.94 -5.28 -3.96
CA HIS A 139 -8.61 -5.65 -4.45
C HIS A 139 -7.52 -5.40 -3.41
N ARG A 140 -6.41 -4.82 -3.85
CA ARG A 140 -5.30 -4.51 -2.95
C ARG A 140 -5.79 -3.60 -1.83
N ASP A 141 -5.13 -3.63 -0.69
CA ASP A 141 -5.67 -2.84 0.40
C ASP A 141 -4.75 -1.69 0.78
N LEU A 142 -5.37 -0.56 1.08
CA LEU A 142 -4.65 0.66 1.37
C LEU A 142 -4.32 0.75 2.86
N LYS A 143 -3.05 0.51 3.18
CA LYS A 143 -2.56 0.67 4.53
C LYS A 143 -1.08 0.92 4.35
N PRO A 144 -0.45 1.54 5.34
CA PRO A 144 0.96 1.92 5.20
C PRO A 144 1.86 0.75 4.84
N ALA A 145 1.55 -0.40 5.40
CA ALA A 145 2.40 -1.56 5.18
C ALA A 145 2.41 -2.02 3.73
N ASN A 146 1.34 -1.72 2.99
CA ASN A 146 1.21 -2.14 1.62
C ASN A 146 1.51 -1.01 0.62
N VAL A 147 2.35 -0.08 1.01
CA VAL A 147 2.68 1.08 0.17
C VAL A 147 4.21 1.25 0.10
N PHE A 148 4.77 1.29 -1.09
CA PHE A 148 6.21 1.24 -1.18
C PHE A 148 6.74 2.43 -1.98
N LEU A 149 7.99 2.78 -1.71
CA LEU A 149 8.62 3.88 -2.34
C LEU A 149 9.83 3.39 -3.12
N ASP A 150 9.99 3.87 -4.36
CA ASP A 150 11.16 3.54 -5.11
C ASP A 150 12.25 4.61 -4.99
N GLY A 151 13.26 4.55 -5.85
CA GLY A 151 14.39 5.46 -5.71
C GLY A 151 14.20 6.80 -6.40
N LYS A 152 12.98 7.05 -6.87
CA LYS A 152 12.69 8.16 -7.72
C LYS A 152 11.50 8.99 -7.27
N GLN A 153 11.18 8.92 -5.97
CA GLN A 153 10.02 9.62 -5.42
C GLN A 153 8.69 9.12 -5.98
N ASN A 154 8.69 7.89 -6.45
CA ASN A 154 7.46 7.22 -6.84
C ASN A 154 6.90 6.43 -5.69
N VAL A 155 5.59 6.22 -5.73
CA VAL A 155 4.90 5.63 -4.62
C VAL A 155 4.09 4.50 -5.21
N LYS A 156 4.21 3.30 -4.64
CA LYS A 156 3.60 2.13 -5.26
C LYS A 156 2.83 1.28 -4.26
N LEU A 157 1.70 0.76 -4.75
CA LEU A 157 0.81 -0.02 -3.94
C LEU A 157 1.22 -1.51 -4.13
N GLY A 158 1.29 -2.26 -3.01
CA GLY A 158 1.67 -3.66 -3.10
C GLY A 158 0.47 -4.62 -3.19
N ASP A 159 0.73 -5.90 -2.90
CA ASP A 159 -0.27 -6.92 -3.15
C ASP A 159 -1.03 -7.42 -1.92
N PHE A 160 -0.79 -6.81 -0.76
CA PHE A 160 -1.49 -7.25 0.46
C PHE A 160 -2.99 -7.14 0.27
N GLY A 161 -3.71 -8.21 0.61
CA GLY A 161 -5.16 -8.20 0.52
C GLY A 161 -5.69 -8.74 -0.79
N LEU A 162 -4.83 -8.77 -1.80
CA LEU A 162 -5.19 -9.27 -3.13
C LEU A 162 -4.91 -10.76 -3.32
N VAL A 177 -6.06 -10.39 14.89
CA VAL A 177 -5.43 -9.95 16.12
C VAL A 177 -5.47 -8.43 16.33
N GLY A 178 -5.19 -7.68 15.27
CA GLY A 178 -5.02 -6.24 15.39
C GLY A 178 -6.27 -5.40 15.24
N THR A 179 -6.23 -4.19 15.78
CA THR A 179 -7.32 -3.23 15.61
C THR A 179 -7.39 -2.80 14.15
N PRO A 180 -8.58 -2.84 13.56
CA PRO A 180 -8.82 -2.42 12.17
C PRO A 180 -9.04 -0.89 12.08
N TYR A 181 -7.99 -0.13 12.35
CA TYR A 181 -8.04 1.32 12.32
C TYR A 181 -8.72 1.95 11.10
N TYR A 182 -8.60 1.31 9.94
CA TYR A 182 -9.07 1.94 8.70
C TYR A 182 -10.46 1.53 8.24
N MET A 183 -11.18 0.82 9.09
CA MET A 183 -12.50 0.31 8.74
C MET A 183 -13.48 1.48 8.47
N SER A 184 -14.08 1.48 7.28
CA SER A 184 -15.07 2.50 6.96
C SER A 184 -16.38 2.26 7.69
N PRO A 185 -17.04 3.34 8.11
CA PRO A 185 -18.36 3.31 8.75
C PRO A 185 -19.32 2.27 8.15
N GLU A 186 -19.33 2.15 6.83
CA GLU A 186 -20.23 1.19 6.18
C GLU A 186 -19.76 -0.21 6.25
N GLN A 187 -18.49 -0.41 6.11
CA GLN A 187 -18.16 -1.75 6.39
C GLN A 187 -18.54 -2.51 7.81
N MET A 188 -18.33 -1.48 8.60
CA MET A 188 -17.93 -1.61 9.99
C MET A 188 -19.20 -2.18 9.97
N ASN A 189 -19.75 -2.14 8.71
CA ASN A 189 -21.18 -2.73 8.96
C ASN A 189 -21.84 -3.93 8.29
N ARG A 190 -22.48 -3.61 7.17
CA ARG A 190 -22.68 -4.61 6.13
C ARG A 190 -21.51 -4.63 5.14
N ASN A 194 -18.02 -1.02 -2.38
CA ASN A 194 -18.17 0.44 -2.47
C ASN A 194 -16.80 1.13 -2.67
N GLU A 195 -16.59 1.72 -3.84
CA GLU A 195 -15.38 2.49 -4.13
C GLU A 195 -15.17 3.62 -3.11
N LYS A 196 -16.27 4.16 -2.61
CA LYS A 196 -16.15 5.24 -1.65
C LYS A 196 -15.58 4.77 -0.32
N SER A 197 -15.73 3.48 0.00
CA SER A 197 -15.08 2.93 1.20
C SER A 197 -13.55 3.01 1.10
N ASP A 198 -13.03 2.73 -0.09
CA ASP A 198 -11.59 2.91 -0.36
C ASP A 198 -11.10 4.35 -0.12
N ILE A 199 -11.90 5.34 -0.50
CA ILE A 199 -11.56 6.75 -0.23
C ILE A 199 -11.36 7.01 1.28
N TRP A 200 -12.24 6.45 2.09
CA TRP A 200 -12.10 6.56 3.54
C TRP A 200 -10.75 5.98 3.99
N SER A 201 -10.46 4.77 3.53
CA SER A 201 -9.20 4.14 3.90
C SER A 201 -8.01 5.02 3.51
N LEU A 202 -8.02 5.49 2.26
CA LEU A 202 -7.02 6.47 1.83
C LEU A 202 -7.03 7.74 2.71
N GLY A 203 -8.22 8.20 3.00
CA GLY A 203 -8.38 9.23 4.02
C GLY A 203 -7.59 8.91 5.30
N CYS A 204 -7.70 7.68 5.82
CA CYS A 204 -7.07 7.35 7.10
C CYS A 204 -5.55 7.27 6.96
N LEU A 205 -5.11 6.83 5.77
CA LEU A 205 -3.70 6.65 5.51
C LEU A 205 -2.98 7.99 5.40
N LEU A 206 -3.52 8.93 4.62
CA LEU A 206 -2.91 10.26 4.58
C LEU A 206 -2.97 10.95 5.93
N TYR A 207 -4.12 10.85 6.61
CA TYR A 207 -4.22 11.47 7.95
C TYR A 207 -3.10 10.93 8.86
N GLU A 208 -2.84 9.62 8.76
CA GLU A 208 -1.80 9.00 9.59
C GLU A 208 -0.40 9.44 9.16
N LEU A 209 -0.27 9.75 7.88
CA LEU A 209 1.00 10.20 7.32
C LEU A 209 1.29 11.59 7.83
N CYS A 210 0.27 12.41 7.89
CA CYS A 210 0.41 13.74 8.45
C CYS A 210 0.56 13.75 9.98
N ALA A 211 -0.32 13.02 10.65
CA ALA A 211 -0.46 13.14 12.13
C ALA A 211 0.50 12.21 12.84
N LEU A 212 0.99 11.21 12.12
CA LEU A 212 1.83 10.18 12.69
C LEU A 212 1.03 9.32 13.62
N MET A 213 -0.29 9.36 13.44
CA MET A 213 -1.22 8.53 14.23
C MET A 213 -2.57 8.45 13.50
N PRO A 214 -3.29 7.36 13.67
CA PRO A 214 -4.57 7.18 12.94
C PRO A 214 -5.55 8.19 13.45
N PRO A 215 -6.60 8.43 12.69
CA PRO A 215 -7.60 9.44 13.05
C PRO A 215 -8.46 8.94 14.21
N PHE A 216 -8.63 7.64 14.31
CA PHE A 216 -9.35 7.07 15.43
C PHE A 216 -8.50 5.95 16.02
N THR A 217 -8.24 6.07 17.30
CA THR A 217 -7.46 5.08 18.03
C THR A 217 -8.30 4.56 19.19
N ALA A 218 -8.00 3.36 19.66
CA ALA A 218 -8.74 2.76 20.77
C ALA A 218 -8.00 1.50 21.17
N PHE A 219 -8.47 0.84 22.22
CA PHE A 219 -7.82 -0.39 22.67
C PHE A 219 -8.61 -1.63 22.24
N SER A 220 -9.92 -1.48 22.12
CA SER A 220 -10.75 -2.56 21.61
C SER A 220 -11.43 -2.14 20.32
N GLN A 221 -11.82 -3.11 19.51
CA GLN A 221 -12.54 -2.84 18.28
C GLN A 221 -13.87 -2.16 18.53
N LYS A 222 -14.51 -2.54 19.61
CA LYS A 222 -15.81 -1.99 19.96
C LYS A 222 -15.69 -0.48 20.28
N GLU A 223 -14.63 -0.11 20.99
CA GLU A 223 -14.37 1.29 21.30
C GLU A 223 -14.08 2.05 20.01
N LEU A 224 -13.16 1.48 19.23
CA LEU A 224 -12.91 1.93 17.89
C LEU A 224 -14.22 2.19 17.15
N ALA A 225 -15.10 1.19 17.10
CA ALA A 225 -16.33 1.35 16.32
C ALA A 225 -17.11 2.54 16.78
N GLY A 226 -17.11 2.77 18.09
CA GLY A 226 -17.89 3.85 18.66
C GLY A 226 -17.37 5.21 18.25
N LYS A 227 -16.05 5.36 18.21
CA LYS A 227 -15.42 6.58 17.79
C LYS A 227 -15.65 6.90 16.32
N ILE A 228 -15.56 5.87 15.47
CA ILE A 228 -15.74 6.04 14.03
C ILE A 228 -17.16 6.47 13.71
N ARG A 229 -18.13 6.05 14.51
CA ARG A 229 -19.51 6.43 14.25
C ARG A 229 -19.74 7.87 14.75
N GLU A 230 -18.82 8.36 15.55
CA GLU A 230 -18.92 9.74 16.00
C GLU A 230 -18.34 10.67 14.91
N GLY A 231 -17.18 10.31 14.39
CA GLY A 231 -16.65 10.94 13.21
C GLY A 231 -15.81 12.16 13.51
N LYS A 232 -15.39 12.31 14.76
CA LYS A 232 -14.50 13.38 15.13
C LYS A 232 -13.04 12.93 15.29
N PHE A 233 -12.11 13.83 15.01
CA PHE A 233 -10.70 13.53 15.16
C PHE A 233 -10.02 14.89 15.25
N ARG A 234 -8.75 14.89 15.61
CA ARG A 234 -7.97 16.12 15.59
C ARG A 234 -7.72 16.58 14.16
N ARG A 235 -7.54 17.89 13.98
CA ARG A 235 -7.01 18.39 12.74
C ARG A 235 -5.56 17.89 12.63
N ILE A 236 -5.09 17.69 11.40
CA ILE A 236 -3.71 17.31 11.21
C ILE A 236 -2.86 18.47 11.68
N PRO A 237 -1.56 18.26 11.90
CA PRO A 237 -0.77 19.39 12.44
C PRO A 237 -0.83 20.65 11.59
N TYR A 238 -0.62 21.77 12.26
CA TYR A 238 -0.79 23.08 11.65
C TYR A 238 0.25 23.40 10.62
N ARG A 239 1.27 22.56 10.53
CA ARG A 239 2.28 22.71 9.47
C ARG A 239 1.70 22.38 8.10
N TYR A 240 0.58 21.68 8.09
CA TYR A 240 -0.12 21.32 6.88
C TYR A 240 -1.22 22.30 6.55
N SER A 241 -1.22 22.76 5.30
CA SER A 241 -2.20 23.74 4.77
C SER A 241 -3.68 23.43 5.06
N ASP A 242 -4.49 24.47 5.17
CA ASP A 242 -5.92 24.26 5.28
C ASP A 242 -6.41 23.43 4.12
N GLU A 243 -5.80 23.66 2.96
CA GLU A 243 -6.22 22.92 1.76
C GLU A 243 -6.05 21.39 1.91
N LEU A 244 -4.86 20.96 2.32
CA LEU A 244 -4.60 19.55 2.62
C LEU A 244 -5.56 19.00 3.68
N ASN A 245 -5.68 19.72 4.80
CA ASN A 245 -6.57 19.30 5.86
C ASN A 245 -7.99 19.10 5.34
N GLU A 246 -8.43 20.01 4.50
CA GLU A 246 -9.81 20.00 4.07
C GLU A 246 -10.11 18.74 3.25
N ILE A 247 -9.14 18.33 2.44
CA ILE A 247 -9.36 17.23 1.52
C ILE A 247 -9.32 15.90 2.31
N ILE A 248 -8.32 15.76 3.16
CA ILE A 248 -8.24 14.60 3.99
C ILE A 248 -9.53 14.53 4.83
N THR A 249 -9.92 15.66 5.40
CA THR A 249 -11.15 15.71 6.18
C THR A 249 -12.36 15.23 5.40
N ARG A 250 -12.44 15.65 4.14
CA ARG A 250 -13.54 15.25 3.24
C ARG A 250 -13.55 13.75 2.94
N MET A 251 -12.39 13.13 2.97
CA MET A 251 -12.33 11.69 2.71
C MET A 251 -12.82 10.92 3.93
N LEU A 252 -12.78 11.57 5.11
CA LEU A 252 -13.20 10.98 6.36
C LEU A 252 -14.63 11.37 6.72
N ASN A 253 -15.38 11.81 5.73
CA ASN A 253 -16.78 12.12 5.95
C ASN A 253 -17.61 10.87 6.21
N LEU A 254 -18.43 10.89 7.25
CA LEU A 254 -19.27 9.74 7.61
C LEU A 254 -20.14 9.22 6.47
N LYS A 255 -20.63 10.10 5.61
CA LYS A 255 -21.45 9.64 4.52
C LYS A 255 -20.56 9.30 3.33
N ASP A 256 -20.74 8.10 2.78
CA ASP A 256 -19.92 7.68 1.65
C ASP A 256 -20.06 8.64 0.49
N TYR A 257 -21.30 9.04 0.19
CA TYR A 257 -21.56 9.97 -0.92
C TYR A 257 -21.04 11.40 -0.75
N HIS A 258 -20.53 11.76 0.43
CA HIS A 258 -19.91 13.09 0.58
C HIS A 258 -18.41 13.03 0.38
N ARG A 259 -17.87 11.82 0.31
CA ARG A 259 -16.44 11.71 0.05
C ARG A 259 -16.16 12.04 -1.42
N PRO A 260 -15.00 12.67 -1.67
CA PRO A 260 -14.66 13.03 -3.06
C PRO A 260 -14.30 11.74 -3.79
N SER A 261 -14.73 11.60 -5.04
CA SER A 261 -14.30 10.48 -5.86
C SER A 261 -12.83 10.68 -6.23
N VAL A 262 -12.26 9.63 -6.83
CA VAL A 262 -10.90 9.68 -7.39
C VAL A 262 -10.75 10.91 -8.29
N GLU A 263 -11.82 11.25 -9.00
CA GLU A 263 -11.75 12.36 -9.95
C GLU A 263 -11.73 13.71 -9.25
N GLU A 264 -12.64 13.93 -8.28
CA GLU A 264 -12.63 15.19 -7.53
C GLU A 264 -11.35 15.30 -6.75
N ILE A 265 -10.76 14.18 -6.35
CA ILE A 265 -9.49 14.25 -5.65
C ILE A 265 -8.41 14.84 -6.56
N LEU A 266 -8.37 14.40 -7.82
CA LEU A 266 -7.30 14.79 -8.72
C LEU A 266 -7.46 16.20 -9.27
N GLU A 267 -8.70 16.67 -9.38
CA GLU A 267 -8.98 18.06 -9.77
C GLU A 267 -8.54 19.09 -8.69
N ASN A 268 -8.15 18.62 -7.52
CA ASN A 268 -7.72 19.52 -6.46
C ASN A 268 -6.46 20.33 -6.80
N PRO A 269 -6.55 21.67 -6.68
CA PRO A 269 -5.51 22.68 -6.91
C PRO A 269 -4.16 22.38 -6.24
N LEU A 270 -4.17 21.47 -5.28
CA LEU A 270 -2.95 21.16 -4.56
C LEU A 270 -2.08 20.26 -5.42
N ILE A 271 -2.75 19.46 -6.23
CA ILE A 271 -2.12 18.33 -6.93
C ILE A 271 -1.59 18.77 -8.29
N LEU A 272 -0.26 18.73 -8.39
CA LEU A 272 0.45 19.20 -9.56
C LEU A 272 1.21 18.10 -10.36
N GLU A 273 1.76 18.45 -11.49
CA GLU A 273 2.39 17.45 -12.31
C GLU A 273 3.53 16.76 -11.59
N HIS A 274 4.33 17.52 -10.84
CA HIS A 274 5.56 16.97 -10.25
C HIS A 274 5.23 16.03 -9.07
N HIS A 275 3.96 15.96 -8.71
CA HIS A 275 3.50 15.07 -7.67
C HIS A 275 3.19 13.68 -8.23
N HIS A 276 3.20 13.58 -9.55
CA HIS A 276 2.97 12.29 -10.23
C HIS A 276 4.23 11.46 -10.37
N HIS A 277 4.08 10.23 -10.85
CA HIS A 277 5.19 9.31 -11.03
C HIS A 277 6.18 9.82 -12.06
N HIS A 278 7.42 9.34 -11.98
CA HIS A 278 8.42 9.69 -12.95
C HIS A 278 9.41 8.55 -13.23
N HIS A 279 9.74 8.35 -14.50
CA HIS A 279 10.73 7.33 -14.91
C HIS A 279 12.19 7.83 -14.94
C01 JUP B . 6.70 -9.20 2.44
C02 JUP B . 7.05 -7.89 1.75
O03 JUP B . 6.28 -7.69 0.59
C04 JUP B . 6.61 -6.65 -0.34
C05 JUP B . 7.92 -6.09 -0.37
C06 JUP B . 8.21 -5.04 -1.29
C07 JUP B . 9.50 -4.48 -1.31
C08 JUP B . 10.06 -4.03 -0.11
C09 JUP B . 11.37 -3.48 -0.15
C10 JUP B . 11.99 -3.01 1.00
C11 JUP B . 13.15 -2.26 1.15
C12 JUP B . 13.51 -1.94 2.42
C13 JUP B . 14.76 -1.08 2.76
N14 JUP B . 16.06 -1.82 2.80
C15 JUP B . 16.96 -1.22 1.84
C16 JUP B . 16.63 -1.64 4.15
C17 JUP B . 12.70 -2.39 3.46
S18 JUP B . 11.45 -3.20 2.60
C19 JUP B . 12.04 -3.41 -1.40
N20 JUP B . 11.48 -3.84 -2.54
C21 JUP B . 10.22 -4.38 -2.54
N22 JUP B . 9.64 -4.83 -3.79
C23 JUP B . 7.21 -4.57 -2.16
C24 JUP B . 5.92 -5.14 -2.14
C25 JUP B . 5.63 -6.17 -1.23
C26 JUP B . 4.27 -6.75 -1.22
N27 JUP B . 3.94 -7.74 -0.21
O28 JUP B . 3.48 -6.40 -2.03
C29 JUP B . 7.13 -6.72 2.72
C30 JUP B . 5.97 -5.97 3.00
C31 JUP B . 6.01 -4.87 3.89
C32 JUP B . 7.23 -4.55 4.52
C33 JUP B . 8.40 -5.35 4.27
C34 JUP B . 8.35 -6.42 3.38
C35 JUP B . 9.63 -7.21 3.10
F36 JUP B . 9.52 -8.54 3.28
F37 JUP B . 10.04 -7.02 1.81
F38 JUP B . 10.55 -6.74 3.94
#